data_3KSM
#
_entry.id   3KSM
#
_cell.length_a   37.439
_cell.length_b   47.712
_cell.length_c   79.723
_cell.angle_alpha   103.49
_cell.angle_beta   90.49
_cell.angle_gamma   91.06
#
_symmetry.space_group_name_H-M   'P 1'
#
loop_
_entity.id
_entity.type
_entity.pdbx_description
1 polymer 'ABC-type sugar transport system, periplasmic component'
2 non-polymer beta-D-ribofuranose
3 water water
#
_entity_poly.entity_id   1
_entity_poly.type   'polypeptide(L)'
_entity_poly.pdbx_seq_one_letter_code
;PKLLLVLKGDSNAYWRQVYLGAQKAADEAGVTLLHRSTKDDGDIAGQIQILSYHLSQAPPDALILAPNSAEDLTPSVAQY
RARNIPVLVVDSDLAGDAHQGLVATDNYAAGQLAARALLATLDLSKERNIALLRLRAGNASTDQREQGFLDVLRKHDKIR
IIAAPYAGDDRGAARSE(MSE)LRLLKETPTIDGLFTPNESTTIGALVAIRQSG(MSE)SKQFGFIGFDQTEELEAA
(MSE)YAGEISNLVVQNPEY(MSE)GYLAVQRALDLVRGKPIPAFTDTGVRLLQE
;
_entity_poly.pdbx_strand_id   A,B
#
loop_
_chem_comp.id
_chem_comp.type
_chem_comp.name
_chem_comp.formula
BDR D-saccharide, beta linking beta-D-ribofuranose 'C5 H10 O5'
#
# COMPACT_ATOMS: atom_id res chain seq x y z
N PRO A 1 20.76 8.08 40.28
CA PRO A 1 20.27 8.53 38.98
C PRO A 1 18.76 8.40 38.84
N LYS A 2 18.17 9.25 37.99
CA LYS A 2 16.77 9.07 37.61
C LYS A 2 16.59 8.95 36.09
N LEU A 3 15.83 7.93 35.67
CA LEU A 3 15.63 7.65 34.26
C LEU A 3 14.18 7.85 33.89
N LEU A 4 13.93 8.52 32.77
CA LEU A 4 12.55 8.73 32.35
C LEU A 4 12.27 7.82 31.17
N LEU A 5 11.25 6.96 31.29
CA LEU A 5 10.89 6.05 30.23
C LEU A 5 9.55 6.50 29.60
N VAL A 6 9.58 6.75 28.30
CA VAL A 6 8.40 7.22 27.59
C VAL A 6 8.16 6.25 26.44
N LEU A 7 7.14 5.41 26.56
CA LEU A 7 6.82 4.44 25.53
C LEU A 7 5.77 5.05 24.58
N LYS A 8 5.32 4.28 23.62
CA LYS A 8 4.40 4.81 22.60
C LYS A 8 3.00 5.10 23.14
N GLY A 9 2.57 4.39 24.19
CA GLY A 9 1.19 4.51 24.62
C GLY A 9 0.80 3.27 25.39
N ASP A 10 -0.50 3.07 25.63
CA ASP A 10 -0.96 1.84 26.32
C ASP A 10 -1.92 1.03 25.45
N SER A 11 -1.83 1.15 24.13
CA SER A 11 -2.77 0.46 23.23
C SER A 11 -2.35 -0.97 22.90
N ASN A 12 -1.21 -1.40 23.44
CA ASN A 12 -0.70 -2.76 23.24
C ASN A 12 -0.18 -3.32 24.55
N ALA A 13 -0.47 -4.60 24.83
CA ALA A 13 0.01 -5.24 26.10
C ALA A 13 1.54 -5.34 26.08
N TYR A 14 2.07 -5.46 24.86
CA TYR A 14 3.51 -5.41 24.60
C TYR A 14 4.29 -4.45 25.48
N TRP A 15 3.76 -3.23 25.64
CA TRP A 15 4.47 -2.18 26.39
C TRP A 15 4.65 -2.50 27.85
N ARG A 16 3.69 -3.22 28.44
CA ARG A 16 3.86 -3.65 29.82
C ARG A 16 5.09 -4.54 29.99
N GLN A 17 5.37 -5.39 29.01
CA GLN A 17 6.57 -6.23 29.08
C GLN A 17 7.86 -5.41 28.99
N VAL A 18 7.87 -4.42 28.10
CA VAL A 18 9.05 -3.55 27.98
C VAL A 18 9.28 -2.83 29.32
N TYR A 19 8.20 -2.30 29.89
CA TYR A 19 8.25 -1.60 31.17
C TYR A 19 8.76 -2.55 32.26
N LEU A 20 8.22 -3.78 32.31
CA LEU A 20 8.62 -4.72 33.36
C LEU A 20 10.13 -5.05 33.34
N GLY A 21 10.68 -5.21 32.14
CA GLY A 21 12.13 -5.38 31.92
C GLY A 21 12.92 -4.17 32.38
N ALA A 22 12.45 -2.97 32.02
CA ALA A 22 13.13 -1.73 32.42
C ALA A 22 13.13 -1.61 33.95
N GLN A 23 11.98 -1.93 34.55
CA GLN A 23 11.85 -1.81 36.02
C GLN A 23 12.75 -2.82 36.72
N LYS A 24 12.82 -4.02 36.18
CA LYS A 24 13.76 -5.03 36.69
C LYS A 24 15.21 -4.52 36.70
N ALA A 25 15.67 -3.99 35.57
CA ALA A 25 17.03 -3.44 35.50
C ALA A 25 17.25 -2.22 36.44
N ALA A 26 16.26 -1.32 36.51
CA ALA A 26 16.38 -0.14 37.37
C ALA A 26 16.45 -0.57 38.86
N ASP A 27 15.61 -1.52 39.23
CA ASP A 27 15.61 -2.11 40.59
C ASP A 27 16.97 -2.74 40.93
N GLU A 28 17.56 -3.48 39.99
CA GLU A 28 18.87 -4.08 40.22
C GLU A 28 19.95 -3.03 40.40
N ALA A 29 19.84 -1.94 39.63
CA ALA A 29 20.85 -0.87 39.67
C ALA A 29 20.69 0.08 40.87
N GLY A 30 19.53 0.04 41.53
CA GLY A 30 19.22 0.98 42.60
C GLY A 30 18.96 2.37 42.08
N VAL A 31 18.35 2.46 40.90
CA VAL A 31 18.01 3.77 40.31
C VAL A 31 16.53 3.97 40.17
N THR A 32 16.08 5.23 40.21
CA THR A 32 14.65 5.56 40.07
C THR A 32 14.23 5.55 38.59
N LEU A 33 13.17 4.80 38.29
CA LEU A 33 12.64 4.78 36.92
C LEU A 33 11.28 5.47 36.92
N LEU A 34 11.15 6.52 36.13
CA LEU A 34 9.87 7.16 35.91
C LEU A 34 9.30 6.61 34.62
N HIS A 35 8.02 6.32 34.59
CA HIS A 35 7.40 5.87 33.34
C HIS A 35 6.20 6.74 33.08
N ARG A 36 6.19 7.40 31.91
CA ARG A 36 5.14 8.33 31.53
C ARG A 36 4.86 8.16 30.05
N SER A 37 3.72 7.59 29.69
CA SER A 37 3.33 7.40 28.29
C SER A 37 1.91 7.89 28.04
N THR A 38 1.59 8.17 26.78
CA THR A 38 0.24 8.59 26.42
C THR A 38 -0.70 7.40 26.63
N LYS A 39 -1.98 7.68 26.76
CA LYS A 39 -2.98 6.64 26.82
C LYS A 39 -2.95 5.79 25.55
N ASP A 40 -2.93 6.44 24.39
CA ASP A 40 -3.01 5.72 23.12
C ASP A 40 -1.68 5.77 22.38
N ASP A 41 -1.33 4.64 21.79
CA ASP A 41 -0.24 4.56 20.85
C ASP A 41 -0.53 5.48 19.69
N GLY A 42 0.51 6.14 19.22
CA GLY A 42 0.44 6.95 18.01
C GLY A 42 0.08 8.37 18.32
N ASP A 43 -0.13 8.68 19.61
CA ASP A 43 -0.44 10.05 20.02
C ASP A 43 0.85 10.85 20.01
N ILE A 44 1.22 11.33 18.83
CA ILE A 44 2.47 12.08 18.68
C ILE A 44 2.46 13.38 19.52
N ALA A 45 1.39 14.17 19.38
CA ALA A 45 1.32 15.45 20.11
C ALA A 45 1.40 15.20 21.63
N GLY A 46 0.68 14.21 22.14
CA GLY A 46 0.72 13.87 23.57
C GLY A 46 2.13 13.45 24.03
N GLN A 47 2.85 12.70 23.20
CA GLN A 47 4.22 12.27 23.58
C GLN A 47 5.21 13.46 23.65
N ILE A 48 5.09 14.37 22.69
CA ILE A 48 5.89 15.57 22.65
C ILE A 48 5.60 16.38 23.93
N GLN A 49 4.34 16.40 24.37
CA GLN A 49 3.92 17.18 25.57
C GLN A 49 4.56 16.61 26.84
N ILE A 50 4.57 15.28 26.95
CA ILE A 50 5.22 14.60 28.08
C ILE A 50 6.70 14.96 28.12
N LEU A 51 7.40 14.87 26.98
CA LEU A 51 8.82 15.22 26.92
C LEU A 51 9.12 16.66 27.32
N SER A 52 8.35 17.60 26.78
CA SER A 52 8.61 19.01 27.11
C SER A 52 8.27 19.31 28.58
N TYR A 53 7.22 18.68 29.11
CA TYR A 53 6.85 18.89 30.51
C TYR A 53 7.97 18.45 31.46
N HIS A 54 8.52 17.26 31.21
CA HIS A 54 9.57 16.76 32.07
C HIS A 54 10.88 17.45 31.90
N LEU A 55 11.18 17.90 30.68
CA LEU A 55 12.37 18.70 30.46
C LEU A 55 12.30 19.98 31.32
N SER A 56 11.17 20.66 31.30
CA SER A 56 11.04 21.87 32.10
C SER A 56 10.83 21.62 33.62
N GLN A 57 9.94 20.70 33.96
CA GLN A 57 9.40 20.59 35.32
C GLN A 57 10.14 19.60 36.19
N ALA A 58 10.54 18.47 35.62
CA ALA A 58 11.29 17.47 36.41
C ALA A 58 12.26 16.68 35.55
N PRO A 59 13.38 17.31 35.15
CA PRO A 59 14.29 16.67 34.17
C PRO A 59 15.05 15.46 34.71
N PRO A 60 15.14 14.40 33.88
CA PRO A 60 15.84 13.18 34.26
C PRO A 60 17.35 13.20 33.95
N ASP A 61 18.05 12.16 34.41
CA ASP A 61 19.46 12.00 34.09
C ASP A 61 19.64 11.39 32.72
N ALA A 62 18.62 10.65 32.26
CA ALA A 62 18.56 10.17 30.89
C ALA A 62 17.14 9.87 30.52
N LEU A 63 16.91 9.91 29.22
CA LEU A 63 15.62 9.65 28.63
C LEU A 63 15.70 8.37 27.79
N ILE A 64 14.75 7.46 28.01
CA ILE A 64 14.58 6.28 27.15
C ILE A 64 13.24 6.47 26.45
N LEU A 65 13.27 6.58 25.13
CA LEU A 65 12.10 6.93 24.33
C LEU A 65 11.80 5.91 23.23
N ALA A 66 10.54 5.48 23.14
CA ALA A 66 10.03 4.78 21.95
C ALA A 66 9.19 5.82 21.17
N PRO A 67 9.78 6.47 20.14
CA PRO A 67 9.12 7.59 19.47
C PRO A 67 7.94 7.12 18.63
N ASN A 68 6.81 7.81 18.77
CA ASN A 68 5.65 7.51 17.95
C ASN A 68 5.83 7.85 16.49
N SER A 69 6.77 8.77 16.22
CA SER A 69 7.11 9.19 14.87
C SER A 69 8.60 9.37 14.79
N ALA A 70 9.18 8.72 13.78
CA ALA A 70 10.62 8.74 13.53
C ALA A 70 11.13 10.18 13.30
N GLU A 71 10.33 10.98 12.57
CA GLU A 71 10.67 12.38 12.30
C GLU A 71 10.10 13.40 13.30
N ASP A 72 8.85 13.26 13.69
CA ASP A 72 8.19 14.32 14.46
C ASP A 72 8.70 14.43 15.90
N LEU A 73 9.39 13.38 16.37
CA LEU A 73 10.03 13.43 17.70
C LEU A 73 11.45 14.00 17.77
N THR A 74 12.10 14.23 16.61
CA THR A 74 13.49 14.70 16.66
C THR A 74 13.65 16.09 17.32
N PRO A 75 12.73 17.05 17.05
CA PRO A 75 12.87 18.30 17.82
C PRO A 75 12.82 18.08 19.33
N SER A 76 11.90 17.24 19.81
CA SER A 76 11.84 16.93 21.25
C SER A 76 13.14 16.38 21.80
N VAL A 77 13.73 15.42 21.08
CA VAL A 77 14.97 14.76 21.52
C VAL A 77 16.12 15.75 21.44
N ALA A 78 16.12 16.60 20.42
CA ALA A 78 17.19 17.62 20.27
C ALA A 78 17.24 18.60 21.46
N GLN A 79 16.08 18.88 22.04
CA GLN A 79 15.97 19.70 23.23
C GLN A 79 16.66 19.05 24.43
N TYR A 80 16.53 17.74 24.56
CA TYR A 80 17.24 17.00 25.58
C TYR A 80 18.74 17.03 25.30
N ARG A 81 19.12 16.80 24.05
CA ARG A 81 20.53 16.84 23.69
C ARG A 81 21.17 18.21 24.00
N ALA A 82 20.43 19.29 23.75
CA ALA A 82 20.95 20.66 23.96
C ALA A 82 21.06 20.98 25.44
N ARG A 83 20.36 20.20 26.26
CA ARG A 83 20.46 20.25 27.73
C ARG A 83 21.44 19.21 28.29
N ASN A 84 22.14 18.51 27.40
CA ASN A 84 23.13 17.47 27.71
C ASN A 84 22.55 16.29 28.52
N ILE A 85 21.31 15.93 28.22
CA ILE A 85 20.66 14.76 28.80
C ILE A 85 20.73 13.64 27.76
N PRO A 86 21.45 12.54 28.04
CA PRO A 86 21.52 11.47 27.04
C PRO A 86 20.16 10.88 26.71
N VAL A 87 20.01 10.45 25.45
CA VAL A 87 18.76 9.86 25.00
C VAL A 87 19.06 8.52 24.37
N LEU A 88 18.41 7.49 24.92
CA LEU A 88 18.48 6.14 24.36
C LEU A 88 17.12 5.82 23.71
N VAL A 89 17.10 5.47 22.43
CA VAL A 89 15.86 5.12 21.74
C VAL A 89 15.63 3.63 21.85
N VAL A 90 14.39 3.25 22.17
CA VAL A 90 14.00 1.85 22.32
C VAL A 90 12.88 1.49 21.31
N ASP A 91 12.90 0.26 20.81
CA ASP A 91 11.80 -0.36 20.05
C ASP A 91 11.63 0.11 18.59
N SER A 92 11.76 1.43 18.37
CA SER A 92 11.36 1.98 17.07
C SER A 92 12.29 3.16 16.79
N ASP A 93 12.95 3.15 15.63
CA ASP A 93 14.04 4.11 15.40
C ASP A 93 13.55 5.58 15.33
N LEU A 94 14.49 6.49 15.58
CA LEU A 94 14.26 7.92 15.50
C LEU A 94 15.11 8.43 14.33
N ALA A 95 14.58 9.35 13.50
CA ALA A 95 15.42 9.96 12.42
C ALA A 95 16.53 10.86 12.98
N GLY A 96 17.57 11.12 12.20
CA GLY A 96 18.65 11.98 12.63
C GLY A 96 19.66 11.31 13.55
N ASP A 97 20.48 12.13 14.20
CA ASP A 97 21.52 11.59 15.06
C ASP A 97 21.66 12.37 16.36
N ALA A 98 20.53 12.91 16.83
CA ALA A 98 20.50 13.65 18.09
C ALA A 98 20.61 12.68 19.29
N HIS A 99 20.14 11.45 19.10
CA HIS A 99 20.14 10.42 20.17
C HIS A 99 21.41 9.61 20.18
N GLN A 100 21.64 8.91 21.29
CA GLN A 100 22.95 8.26 21.58
C GLN A 100 22.99 6.77 21.24
N GLY A 101 21.82 6.18 21.00
CA GLY A 101 21.80 4.77 20.68
C GLY A 101 20.40 4.26 20.48
N LEU A 102 20.33 3.04 19.93
CA LEU A 102 19.07 2.33 19.66
C LEU A 102 19.11 0.91 20.24
N VAL A 103 18.04 0.50 20.92
CA VAL A 103 17.92 -0.86 21.47
C VAL A 103 16.56 -1.36 20.96
N ALA A 104 16.55 -2.33 20.05
CA ALA A 104 15.32 -2.71 19.36
C ALA A 104 15.47 -4.03 18.62
N THR A 105 14.36 -4.57 18.15
CA THR A 105 14.36 -5.62 17.14
C THR A 105 14.98 -5.04 15.85
N ASP A 106 15.63 -5.89 15.04
CA ASP A 106 15.95 -5.51 13.65
C ASP A 106 14.63 -5.64 12.87
N ASN A 107 13.88 -4.54 12.81
CA ASN A 107 12.52 -4.63 12.29
C ASN A 107 12.41 -4.93 10.78
N TYR A 108 13.37 -4.45 10.02
CA TYR A 108 13.48 -4.80 8.60
C TYR A 108 13.67 -6.32 8.45
N ALA A 109 14.63 -6.89 9.18
CA ALA A 109 14.84 -8.36 9.17
C ALA A 109 13.59 -9.15 9.64
N ALA A 110 12.88 -8.62 10.64
CA ALA A 110 11.64 -9.25 11.13
C ALA A 110 10.57 -9.33 10.02
N GLY A 111 10.50 -8.27 9.22
CA GLY A 111 9.55 -8.30 8.09
C GLY A 111 9.93 -9.32 7.02
N GLN A 112 11.23 -9.40 6.68
CA GLN A 112 11.72 -10.39 5.71
C GLN A 112 11.41 -11.81 6.23
N LEU A 113 11.66 -12.01 7.51
CA LEU A 113 11.31 -13.27 8.20
C LEU A 113 9.83 -13.62 8.06
N ALA A 114 8.96 -12.61 8.31
CA ALA A 114 7.52 -12.82 8.20
C ALA A 114 7.10 -13.25 6.80
N ALA A 115 7.74 -12.66 5.77
CA ALA A 115 7.43 -13.00 4.37
C ALA A 115 7.85 -14.44 4.05
N ARG A 116 9.07 -14.79 4.50
CA ARG A 116 9.56 -16.17 4.35
C ARG A 116 8.62 -17.21 5.02
N ALA A 117 8.18 -16.90 6.25
CA ALA A 117 7.17 -17.70 6.96
C ALA A 117 5.83 -17.79 6.21
N LEU A 118 5.35 -16.68 5.67
CA LEU A 118 4.12 -16.71 4.89
C LEU A 118 4.28 -17.60 3.63
N LEU A 119 5.39 -17.41 2.92
CA LEU A 119 5.64 -18.23 1.72
C LEU A 119 5.56 -19.72 2.04
N ALA A 120 6.10 -20.08 3.20
CA ALA A 120 6.11 -21.48 3.65
C ALA A 120 4.70 -22.02 3.98
N THR A 121 3.75 -21.14 4.26
CA THR A 121 2.37 -21.60 4.55
C THR A 121 1.54 -21.81 3.28
N LEU A 122 1.97 -21.21 2.17
CA LEU A 122 1.15 -21.15 0.96
C LEU A 122 1.37 -22.33 0.03
N ASP A 123 0.31 -22.70 -0.69
CA ASP A 123 0.43 -23.58 -1.84
C ASP A 123 0.95 -22.77 -3.03
N LEU A 124 2.24 -22.84 -3.27
CA LEU A 124 2.91 -22.05 -4.30
C LEU A 124 2.85 -22.65 -5.71
N SER A 125 1.90 -23.55 -5.94
CA SER A 125 1.66 -24.14 -7.26
CA SER A 125 1.65 -24.15 -7.26
C SER A 125 0.68 -23.29 -8.06
N LYS A 126 -0.06 -22.43 -7.34
CA LYS A 126 -1.06 -21.52 -7.93
C LYS A 126 -0.69 -20.07 -7.60
N GLU A 127 -1.24 -19.09 -8.35
CA GLU A 127 -1.06 -17.69 -7.98
C GLU A 127 -1.77 -17.46 -6.65
N ARG A 128 -1.16 -16.67 -5.78
CA ARG A 128 -1.67 -16.42 -4.44
C ARG A 128 -1.79 -14.90 -4.20
N ASN A 129 -2.95 -14.46 -3.76
CA ASN A 129 -3.21 -13.03 -3.52
C ASN A 129 -2.89 -12.71 -2.06
N ILE A 130 -2.02 -11.73 -1.84
CA ILE A 130 -1.51 -11.41 -0.49
C ILE A 130 -2.00 -10.03 -0.05
N ALA A 131 -2.46 -9.94 1.21
CA ALA A 131 -2.82 -8.67 1.82
C ALA A 131 -1.84 -8.32 2.96
N LEU A 132 -1.54 -7.02 3.10
CA LEU A 132 -0.73 -6.48 4.18
C LEU A 132 -1.59 -5.46 4.92
N LEU A 133 -1.72 -5.61 6.24
CA LEU A 133 -2.42 -4.61 7.02
C LEU A 133 -1.40 -3.69 7.68
N ARG A 134 -1.11 -2.54 7.04
CA ARG A 134 -0.11 -1.60 7.53
C ARG A 134 -0.55 -0.88 8.81
N LEU A 135 0.39 -0.33 9.58
CA LEU A 135 -0.01 0.41 10.79
C LEU A 135 -0.19 1.92 10.52
N ARG A 136 0.91 2.65 10.38
CA ARG A 136 0.88 4.12 10.22
C ARG A 136 2.22 4.64 9.71
N ALA A 137 2.20 5.33 8.57
CA ALA A 137 3.45 5.80 7.97
C ALA A 137 4.18 6.73 8.94
N GLY A 138 5.48 6.49 9.13
CA GLY A 138 6.27 7.29 10.10
C GLY A 138 6.49 6.61 11.45
N ASN A 139 5.80 5.49 11.67
CA ASN A 139 6.03 4.61 12.81
C ASN A 139 7.16 3.67 12.34
N ALA A 140 8.38 3.93 12.77
CA ALA A 140 9.56 3.31 12.13
C ALA A 140 9.58 1.78 12.19
N SER A 141 9.24 1.23 13.36
CA SER A 141 9.26 -0.23 13.53
C SER A 141 8.36 -0.96 12.53
N THR A 142 7.09 -0.54 12.43
CA THR A 142 6.17 -1.20 11.49
C THR A 142 6.43 -0.83 10.04
N ASP A 143 6.90 0.39 9.79
CA ASP A 143 7.24 0.77 8.41
C ASP A 143 8.33 -0.19 7.90
N GLN A 144 9.29 -0.52 8.77
CA GLN A 144 10.40 -1.41 8.41
CA GLN A 144 10.39 -1.41 8.38
C GLN A 144 9.95 -2.87 8.26
N ARG A 145 9.09 -3.33 9.17
CA ARG A 145 8.50 -4.69 9.01
C ARG A 145 7.75 -4.81 7.66
N GLU A 146 6.95 -3.80 7.34
CA GLU A 146 6.15 -3.77 6.12
C GLU A 146 7.08 -3.80 4.91
N GLN A 147 8.11 -2.95 4.91
CA GLN A 147 9.05 -2.91 3.79
C GLN A 147 9.86 -4.19 3.63
N GLY A 148 10.33 -4.77 4.74
CA GLY A 148 11.05 -6.06 4.66
C GLY A 148 10.20 -7.15 4.05
N PHE A 149 8.93 -7.19 4.45
CA PHE A 149 7.95 -8.16 3.95
C PHE A 149 7.75 -7.99 2.45
N LEU A 150 7.48 -6.75 2.04
CA LEU A 150 7.25 -6.45 0.62
C LEU A 150 8.49 -6.69 -0.25
N ASP A 151 9.66 -6.41 0.29
CA ASP A 151 10.93 -6.61 -0.43
C ASP A 151 11.18 -8.08 -0.77
N VAL A 152 10.69 -9.00 0.05
CA VAL A 152 10.79 -10.43 -0.27
C VAL A 152 9.77 -10.84 -1.37
N LEU A 153 8.56 -10.27 -1.31
CA LEU A 153 7.41 -10.74 -2.11
C LEU A 153 7.15 -10.02 -3.41
N ARG A 154 7.60 -8.78 -3.55
CA ARG A 154 7.16 -7.97 -4.70
C ARG A 154 7.41 -8.59 -6.08
N LYS A 155 8.53 -9.28 -6.26
CA LYS A 155 8.84 -9.87 -7.57
C LYS A 155 8.73 -11.38 -7.57
N HIS A 156 8.16 -11.91 -6.50
CA HIS A 156 8.13 -13.33 -6.32
C HIS A 156 7.12 -13.93 -7.26
N ASP A 157 7.57 -14.96 -7.97
CA ASP A 157 6.71 -15.67 -8.87
C ASP A 157 5.45 -16.13 -8.11
N LYS A 158 4.30 -16.01 -8.77
CA LYS A 158 3.01 -16.51 -8.24
C LYS A 158 2.44 -15.77 -7.03
N ILE A 159 2.94 -14.57 -6.80
CA ILE A 159 2.48 -13.75 -5.70
C ILE A 159 1.98 -12.40 -6.22
N ARG A 160 0.80 -12.01 -5.76
CA ARG A 160 0.20 -10.71 -6.09
CA ARG A 160 0.30 -10.67 -6.04
C ARG A 160 -0.17 -10.00 -4.78
N ILE A 161 0.35 -8.79 -4.57
CA ILE A 161 -0.03 -8.01 -3.39
C ILE A 161 -1.28 -7.22 -3.78
N ILE A 162 -2.43 -7.59 -3.22
CA ILE A 162 -3.68 -7.00 -3.67
C ILE A 162 -4.22 -5.94 -2.73
N ALA A 163 -3.65 -5.82 -1.54
CA ALA A 163 -4.13 -4.84 -0.56
C ALA A 163 -3.02 -4.53 0.40
N ALA A 164 -2.87 -3.24 0.68
CA ALA A 164 -1.92 -2.81 1.70
C ALA A 164 -2.39 -1.54 2.41
N PRO A 165 -3.63 -1.54 2.95
CA PRO A 165 -4.12 -0.31 3.55
C PRO A 165 -3.52 -0.06 4.94
N TYR A 166 -3.57 1.18 5.38
CA TYR A 166 -3.21 1.54 6.76
C TYR A 166 -4.41 1.34 7.68
N ALA A 167 -4.16 0.70 8.82
CA ALA A 167 -5.22 0.38 9.77
C ALA A 167 -5.28 1.42 10.89
N GLY A 168 -4.15 2.06 11.20
CA GLY A 168 -4.05 2.90 12.39
C GLY A 168 -3.62 2.11 13.63
N ASP A 169 -3.60 2.79 14.77
CA ASP A 169 -2.87 2.35 15.95
C ASP A 169 -3.71 1.51 16.90
N ASP A 170 -5.02 1.54 16.67
CA ASP A 170 -6.05 0.95 17.50
C ASP A 170 -6.39 -0.46 16.99
N ARG A 171 -6.63 -1.41 17.89
CA ARG A 171 -7.13 -2.71 17.45
C ARG A 171 -8.56 -2.60 16.85
N GLY A 172 -9.37 -1.68 17.36
CA GLY A 172 -10.69 -1.37 16.75
C GLY A 172 -10.60 -0.89 15.29
N ALA A 173 -9.64 -0.01 15.01
CA ALA A 173 -9.39 0.44 13.64
C ALA A 173 -8.92 -0.70 12.71
N ALA A 174 -8.04 -1.57 13.23
CA ALA A 174 -7.56 -2.72 12.48
C ALA A 174 -8.69 -3.68 12.15
N ARG A 175 -9.58 -3.91 13.13
CA ARG A 175 -10.78 -4.73 12.92
C ARG A 175 -11.68 -4.17 11.79
N SER A 176 -11.97 -2.87 11.83
CA SER A 176 -12.81 -2.22 10.79
C SER A 176 -12.19 -2.35 9.42
N GLU A 177 -10.88 -2.12 9.37
CA GLU A 177 -10.16 -2.20 8.10
C GLU A 177 -10.19 -3.61 7.52
N MSE A 178 -9.91 -4.63 8.34
CA MSE A 178 -9.90 -6.02 7.89
C MSE A 178 -11.28 -6.49 7.41
O MSE A 178 -11.39 -7.17 6.40
CB MSE A 178 -9.35 -6.94 9.00
CG MSE A 178 -9.00 -8.32 8.52
SE MSE A 178 -7.43 -8.24 7.30
CE MSE A 178 -7.94 -9.63 6.05
N LEU A 179 -12.33 -6.12 8.15
CA LEU A 179 -13.71 -6.40 7.77
C LEU A 179 -14.04 -5.85 6.39
N ARG A 180 -13.59 -4.63 6.09
CA ARG A 180 -13.79 -4.07 4.75
C ARG A 180 -13.03 -4.88 3.69
N LEU A 181 -11.73 -5.13 3.93
CA LEU A 181 -10.94 -5.97 3.02
C LEU A 181 -11.56 -7.34 2.71
N LEU A 182 -12.03 -8.04 3.75
CA LEU A 182 -12.59 -9.38 3.61
C LEU A 182 -13.87 -9.38 2.76
N LYS A 183 -14.71 -8.36 2.96
CA LYS A 183 -15.94 -8.14 2.21
C LYS A 183 -15.67 -7.83 0.73
N GLU A 184 -14.76 -6.89 0.49
CA GLU A 184 -14.53 -6.31 -0.82
C GLU A 184 -13.55 -7.05 -1.73
N THR A 185 -12.63 -7.82 -1.14
CA THR A 185 -11.62 -8.57 -1.91
C THR A 185 -12.15 -9.95 -2.32
N PRO A 186 -12.06 -10.28 -3.63
CA PRO A 186 -12.50 -11.59 -4.15
C PRO A 186 -11.81 -12.77 -3.43
N THR A 187 -10.48 -12.77 -3.44
CA THR A 187 -9.72 -13.88 -2.88
C THR A 187 -8.52 -13.34 -2.14
N ILE A 188 -8.44 -13.57 -0.83
CA ILE A 188 -7.22 -13.36 -0.06
C ILE A 188 -6.66 -14.74 0.26
N ASP A 189 -5.40 -14.96 -0.12
CA ASP A 189 -4.73 -16.26 0.14
C ASP A 189 -3.69 -16.20 1.26
N GLY A 190 -3.23 -15.00 1.59
CA GLY A 190 -2.21 -14.82 2.64
C GLY A 190 -2.32 -13.43 3.24
N LEU A 191 -2.02 -13.32 4.52
CA LEU A 191 -2.11 -12.02 5.25
C LEU A 191 -0.91 -11.88 6.16
N PHE A 192 -0.38 -10.66 6.28
CA PHE A 192 0.63 -10.34 7.31
C PHE A 192 0.13 -9.11 8.03
N THR A 193 0.15 -9.16 9.37
CA THR A 193 -0.16 -8.02 10.22
C THR A 193 1.09 -7.77 11.09
N PRO A 194 1.63 -6.54 11.05
CA PRO A 194 2.97 -6.24 11.60
C PRO A 194 3.06 -5.84 13.05
N ASN A 195 1.97 -5.90 13.80
CA ASN A 195 2.09 -5.75 15.25
C ASN A 195 0.94 -6.35 16.03
N GLU A 196 1.04 -6.26 17.36
CA GLU A 196 0.00 -6.75 18.23
C GLU A 196 -1.41 -6.24 17.85
N SER A 197 -1.59 -4.93 17.77
CA SER A 197 -2.93 -4.38 17.57
C SER A 197 -3.52 -4.78 16.21
N THR A 198 -2.69 -4.79 15.16
CA THR A 198 -3.18 -5.13 13.81
C THR A 198 -3.47 -6.63 13.75
N THR A 199 -2.67 -7.44 14.45
CA THR A 199 -2.91 -8.88 14.45
C THR A 199 -4.25 -9.22 15.15
N ILE A 200 -4.46 -8.59 16.33
CA ILE A 200 -5.68 -8.86 17.11
C ILE A 200 -6.92 -8.36 16.38
N GLY A 201 -6.86 -7.15 15.85
CA GLY A 201 -7.96 -6.61 15.04
C GLY A 201 -8.30 -7.50 13.86
N ALA A 202 -7.28 -7.96 13.13
CA ALA A 202 -7.52 -8.81 11.96
C ALA A 202 -8.13 -10.15 12.35
N LEU A 203 -7.59 -10.75 13.41
CA LEU A 203 -8.12 -12.00 13.95
C LEU A 203 -9.61 -11.88 14.26
N VAL A 204 -10.00 -10.82 14.96
CA VAL A 204 -11.40 -10.66 15.37
C VAL A 204 -12.30 -10.51 14.12
N ALA A 205 -11.85 -9.70 13.17
CA ALA A 205 -12.53 -9.58 11.89
C ALA A 205 -12.64 -10.89 11.10
N ILE A 206 -11.57 -11.68 11.07
CA ILE A 206 -11.58 -12.94 10.34
C ILE A 206 -12.62 -13.90 10.94
N ARG A 207 -12.65 -14.00 12.28
CA ARG A 207 -13.67 -14.80 12.97
C ARG A 207 -15.09 -14.30 12.66
N GLN A 208 -15.33 -13.01 12.85
CA GLN A 208 -16.67 -12.45 12.63
C GLN A 208 -17.14 -12.64 11.19
N SER A 209 -16.19 -12.72 10.25
CA SER A 209 -16.49 -12.94 8.84
C SER A 209 -16.61 -14.41 8.42
N GLY A 210 -16.51 -15.33 9.37
CA GLY A 210 -16.57 -16.76 9.07
C GLY A 210 -15.40 -17.27 8.26
N MSE A 211 -14.24 -16.63 8.43
CA MSE A 211 -13.09 -16.93 7.59
C MSE A 211 -11.93 -17.61 8.30
O MSE A 211 -10.82 -17.62 7.77
CB MSE A 211 -12.58 -15.67 6.90
CG MSE A 211 -12.17 -15.95 5.50
SE MSE A 211 -13.77 -16.01 4.38
CE MSE A 211 -14.02 -14.05 4.33
N SER A 212 -12.18 -18.17 9.47
CA SER A 212 -11.12 -18.84 10.23
C SER A 212 -10.45 -19.99 9.46
N LYS A 213 -9.12 -20.02 9.56
CA LYS A 213 -8.31 -21.10 8.99
C LYS A 213 -8.39 -21.20 7.45
N GLN A 214 -8.91 -20.17 6.80
CA GLN A 214 -9.09 -20.18 5.35
C GLN A 214 -7.84 -19.82 4.53
N PHE A 215 -6.96 -19.01 5.11
CA PHE A 215 -5.75 -18.58 4.39
C PHE A 215 -4.54 -18.51 5.33
N GLY A 216 -3.34 -18.39 4.77
CA GLY A 216 -2.12 -18.28 5.60
C GLY A 216 -2.13 -16.91 6.29
N PHE A 217 -1.75 -16.86 7.57
CA PHE A 217 -1.88 -15.63 8.34
C PHE A 217 -0.68 -15.58 9.27
N ILE A 218 0.24 -14.65 9.00
CA ILE A 218 1.39 -14.43 9.87
C ILE A 218 1.11 -13.15 10.66
N GLY A 219 1.20 -13.25 11.98
CA GLY A 219 1.00 -12.13 12.86
C GLY A 219 2.31 -11.74 13.52
N PHE A 220 2.25 -10.78 14.42
CA PHE A 220 3.45 -10.21 15.01
C PHE A 220 3.12 -9.92 16.47
N ASP A 221 4.07 -10.22 17.36
CA ASP A 221 3.87 -10.10 18.81
C ASP A 221 2.99 -11.25 19.35
N GLN A 222 2.94 -11.35 20.67
CA GLN A 222 2.18 -12.43 21.33
C GLN A 222 1.48 -11.95 22.58
N THR A 223 0.30 -12.52 22.80
CA THR A 223 -0.46 -12.36 24.03
C THR A 223 -1.14 -13.73 24.20
N GLU A 224 -1.78 -13.97 25.35
CA GLU A 224 -2.51 -15.22 25.55
C GLU A 224 -3.51 -15.47 24.42
N GLU A 225 -4.30 -14.45 24.07
CA GLU A 225 -5.27 -14.60 22.98
C GLU A 225 -4.66 -14.93 21.63
N LEU A 226 -3.54 -14.27 21.28
CA LEU A 226 -2.84 -14.59 20.00
C LEU A 226 -2.21 -15.98 19.98
N GLU A 227 -1.60 -16.36 21.11
CA GLU A 227 -1.02 -17.71 21.26
C GLU A 227 -2.08 -18.79 21.06
N ALA A 228 -3.23 -18.61 21.72
CA ALA A 228 -4.36 -19.53 21.58
C ALA A 228 -4.84 -19.64 20.12
N ALA A 229 -4.98 -18.51 19.45
CA ALA A 229 -5.38 -18.49 18.03
C ALA A 229 -4.37 -19.24 17.17
N MSE A 230 -3.09 -19.09 17.49
CA MSE A 230 -2.06 -19.83 16.77
C MSE A 230 -2.14 -21.34 17.02
O MSE A 230 -2.14 -22.14 16.08
CB MSE A 230 -0.66 -19.29 17.14
CG MSE A 230 0.46 -19.87 16.30
SE MSE A 230 2.25 -19.41 16.95
CE MSE A 230 2.18 -20.46 18.63
N TYR A 231 -2.21 -21.73 18.29
CA TYR A 231 -2.33 -23.18 18.61
C TYR A 231 -3.60 -23.81 18.00
N ALA A 232 -4.64 -23.00 17.81
CA ALA A 232 -5.90 -23.45 17.20
C ALA A 232 -5.82 -23.51 15.66
N GLY A 233 -4.70 -23.07 15.09
CA GLY A 233 -4.58 -23.03 13.64
C GLY A 233 -5.23 -21.84 12.97
N GLU A 234 -5.68 -20.86 13.73
CA GLU A 234 -6.30 -19.66 13.15
C GLU A 234 -5.24 -18.69 12.63
N ILE A 235 -4.10 -18.70 13.29
CA ILE A 235 -2.93 -17.96 12.88
C ILE A 235 -1.83 -18.96 12.55
N SER A 236 -1.17 -18.76 11.43
CA SER A 236 -0.17 -19.72 10.94
C SER A 236 1.14 -19.64 11.74
N ASN A 237 1.52 -18.42 12.10
CA ASN A 237 2.70 -18.23 12.96
C ASN A 237 2.70 -16.80 13.49
N LEU A 238 3.48 -16.58 14.55
CA LEU A 238 3.69 -15.25 15.09
C LEU A 238 5.19 -14.99 15.10
N VAL A 239 5.57 -13.84 14.58
CA VAL A 239 6.93 -13.32 14.70
C VAL A 239 6.97 -12.53 16.02
N VAL A 240 7.92 -12.87 16.88
CA VAL A 240 7.89 -12.37 18.26
C VAL A 240 9.25 -11.77 18.61
N GLN A 241 9.18 -10.64 19.31
CA GLN A 241 10.35 -9.89 19.76
C GLN A 241 10.61 -10.31 21.18
N ASN A 242 11.60 -9.66 21.81
CA ASN A 242 11.93 -9.91 23.21
C ASN A 242 11.77 -8.63 24.04
N PRO A 243 10.51 -8.19 24.26
CA PRO A 243 10.27 -6.87 24.88
C PRO A 243 10.80 -6.71 26.32
N GLU A 244 10.74 -7.77 27.13
CA GLU A 244 11.28 -7.70 28.49
C GLU A 244 12.80 -7.49 28.46
N TYR A 245 13.49 -8.29 27.66
CA TYR A 245 14.93 -8.17 27.47
C TYR A 245 15.30 -6.79 26.87
N MSE A 246 14.49 -6.33 25.91
CA MSE A 246 14.71 -5.01 25.31
C MSE A 246 14.63 -3.88 26.37
O MSE A 246 15.51 -3.02 26.41
CB MSE A 246 13.66 -4.80 24.20
CG MSE A 246 13.82 -3.53 23.43
SE MSE A 246 12.26 -3.24 22.29
CE MSE A 246 12.29 -4.92 21.25
N GLY A 247 13.59 -3.91 27.22
CA GLY A 247 13.42 -2.92 28.31
C GLY A 247 14.57 -2.96 29.28
N TYR A 248 15.02 -4.18 29.57
CA TYR A 248 16.09 -4.43 30.53
C TYR A 248 17.40 -3.84 29.98
N LEU A 249 17.73 -4.19 28.74
CA LEU A 249 18.93 -3.67 28.08
C LEU A 249 18.86 -2.16 27.86
N ALA A 250 17.69 -1.61 27.57
CA ALA A 250 17.57 -0.16 27.35
C ALA A 250 17.97 0.61 28.63
N VAL A 251 17.52 0.12 29.79
CA VAL A 251 17.93 0.69 31.07
C VAL A 251 19.44 0.55 31.33
N GLN A 252 20.01 -0.61 31.01
CA GLN A 252 21.43 -0.83 31.22
C GLN A 252 22.27 0.10 30.33
N ARG A 253 21.84 0.26 29.06
CA ARG A 253 22.51 1.14 28.14
C ARG A 253 22.36 2.60 28.58
N ALA A 254 21.18 2.97 29.08
CA ALA A 254 20.95 4.37 29.47
C ALA A 254 21.85 4.74 30.66
N LEU A 255 21.98 3.80 31.59
CA LEU A 255 22.87 3.95 32.72
C LEU A 255 24.33 4.08 32.30
N ASP A 256 24.75 3.31 31.29
CA ASP A 256 26.10 3.46 30.73
C ASP A 256 26.33 4.90 30.22
N LEU A 257 25.35 5.44 29.52
CA LEU A 257 25.40 6.82 29.02
C LEU A 257 25.53 7.82 30.16
N VAL A 258 24.74 7.63 31.23
CA VAL A 258 24.83 8.49 32.42
C VAL A 258 26.24 8.46 33.02
N ARG A 259 26.85 7.28 33.01
CA ARG A 259 28.21 7.09 33.56
C ARG A 259 29.33 7.43 32.57
N GLY A 260 28.94 7.92 31.40
CA GLY A 260 29.87 8.36 30.37
C GLY A 260 30.58 7.23 29.64
N LYS A 261 30.02 6.02 29.68
CA LYS A 261 30.60 4.86 28.98
C LYS A 261 30.02 4.74 27.57
N PRO A 262 30.85 4.29 26.60
CA PRO A 262 30.35 4.13 25.21
C PRO A 262 29.32 3.01 25.12
N ILE A 263 28.34 3.19 24.23
CA ILE A 263 27.39 2.13 23.96
C ILE A 263 27.33 1.85 22.46
N PRO A 264 26.87 0.64 22.07
CA PRO A 264 26.68 0.42 20.61
C PRO A 264 25.59 1.35 20.05
N ALA A 265 25.77 1.79 18.81
CA ALA A 265 24.77 2.55 18.09
C ALA A 265 23.48 1.74 18.00
N PHE A 266 23.60 0.44 17.76
CA PHE A 266 22.42 -0.45 17.67
C PHE A 266 22.66 -1.73 18.45
N THR A 267 21.78 -2.01 19.41
CA THR A 267 21.71 -3.32 20.10
C THR A 267 20.47 -4.06 19.58
N ASP A 268 20.70 -5.14 18.84
CA ASP A 268 19.63 -5.96 18.27
C ASP A 268 19.13 -6.97 19.33
N THR A 269 17.86 -6.83 19.73
CA THR A 269 17.32 -7.62 20.82
C THR A 269 16.71 -8.96 20.41
N GLY A 270 16.70 -9.25 19.11
CA GLY A 270 16.39 -10.59 18.62
C GLY A 270 14.95 -10.78 18.19
N VAL A 271 14.76 -11.67 17.23
CA VAL A 271 13.42 -11.95 16.75
C VAL A 271 13.38 -13.41 16.34
N ARG A 272 12.18 -13.99 16.39
CA ARG A 272 12.02 -15.39 16.04
C ARG A 272 10.57 -15.72 15.71
N LEU A 273 10.36 -16.85 15.04
CA LEU A 273 9.00 -17.37 14.88
C LEU A 273 8.66 -18.11 16.16
N LEU A 274 7.44 -17.90 16.67
CA LEU A 274 7.04 -18.53 17.92
C LEU A 274 7.00 -20.05 17.81
N GLN A 275 6.56 -20.57 16.67
CA GLN A 275 6.52 -22.02 16.51
C GLN A 275 7.22 -22.44 15.21
N GLU A 276 7.49 -23.73 15.06
CA GLU A 276 8.04 -24.28 13.81
C GLU A 276 6.96 -24.33 12.72
N LYS B 2 -4.28 -16.40 -35.98
CA LYS B 2 -5.17 -15.22 -35.96
C LYS B 2 -5.52 -14.81 -34.52
N LEU B 3 -5.15 -13.60 -34.14
CA LEU B 3 -5.37 -13.10 -32.78
C LEU B 3 -6.40 -11.99 -32.81
N LEU B 4 -7.41 -12.10 -31.96
CA LEU B 4 -8.43 -11.06 -31.85
C LEU B 4 -8.04 -10.15 -30.71
N LEU B 5 -7.91 -8.85 -30.97
CA LEU B 5 -7.57 -7.89 -29.92
C LEU B 5 -8.77 -6.95 -29.75
N VAL B 6 -9.36 -6.96 -28.56
CA VAL B 6 -10.51 -6.14 -28.24
C VAL B 6 -10.13 -5.24 -27.05
N LEU B 7 -9.93 -3.95 -27.31
CA LEU B 7 -9.60 -2.98 -26.25
C LEU B 7 -10.89 -2.29 -25.77
N LYS B 8 -10.79 -1.32 -24.86
CA LYS B 8 -12.00 -0.77 -24.23
C LYS B 8 -12.81 0.13 -25.14
N GLY B 9 -12.14 0.78 -26.08
CA GLY B 9 -12.80 1.76 -26.94
C GLY B 9 -11.76 2.65 -27.53
N ASP B 10 -12.15 3.84 -28.00
CA ASP B 10 -11.20 4.79 -28.61
C ASP B 10 -11.36 6.16 -27.94
N SER B 11 -11.75 6.17 -26.68
CA SER B 11 -11.93 7.44 -25.94
C SER B 11 -10.63 8.00 -25.37
N ASN B 12 -9.54 7.25 -25.53
CA ASN B 12 -8.24 7.62 -25.00
C ASN B 12 -7.17 7.32 -26.03
N ALA B 13 -6.22 8.23 -26.21
CA ALA B 13 -5.09 8.03 -27.13
C ALA B 13 -4.19 6.83 -26.70
N TYR B 14 -4.22 6.55 -25.40
CA TYR B 14 -3.63 5.39 -24.79
C TYR B 14 -3.80 4.12 -25.61
N TRP B 15 -5.01 3.86 -26.11
CA TRP B 15 -5.28 2.57 -26.77
C TRP B 15 -4.51 2.39 -28.08
N ARG B 16 -4.21 3.51 -28.74
CA ARG B 16 -3.39 3.45 -29.96
C ARG B 16 -2.00 2.92 -29.63
N GLN B 17 -1.45 3.29 -28.48
CA GLN B 17 -0.13 2.80 -28.07
C GLN B 17 -0.16 1.29 -27.72
N VAL B 18 -1.22 0.83 -27.06
CA VAL B 18 -1.37 -0.60 -26.81
C VAL B 18 -1.47 -1.35 -28.15
N TYR B 19 -2.32 -0.84 -29.04
CA TYR B 19 -2.50 -1.45 -30.37
C TYR B 19 -1.13 -1.51 -31.10
N LEU B 20 -0.40 -0.39 -31.11
CA LEU B 20 0.88 -0.33 -31.84
C LEU B 20 1.88 -1.39 -31.34
N GLY B 21 1.96 -1.58 -30.03
CA GLY B 21 2.78 -2.64 -29.43
C GLY B 21 2.32 -4.04 -29.83
N ALA B 22 1.00 -4.26 -29.78
CA ALA B 22 0.44 -5.56 -30.20
C ALA B 22 0.76 -5.85 -31.67
N GLN B 23 0.60 -4.83 -32.50
CA GLN B 23 0.85 -4.97 -33.94
C GLN B 23 2.31 -5.28 -34.21
N LYS B 24 3.20 -4.62 -33.48
CA LYS B 24 4.66 -4.87 -33.62
C LYS B 24 4.99 -6.34 -33.30
N ALA B 25 4.52 -6.83 -32.16
CA ALA B 25 4.66 -8.24 -31.78
C ALA B 25 4.04 -9.22 -32.78
N ALA B 26 2.84 -8.91 -33.28
CA ALA B 26 2.17 -9.75 -34.27
C ALA B 26 3.00 -9.80 -35.58
N ASP B 27 3.47 -8.62 -36.01
CA ASP B 27 4.31 -8.48 -37.22
C ASP B 27 5.61 -9.27 -37.10
N GLU B 28 6.25 -9.16 -35.94
CA GLU B 28 7.48 -9.87 -35.63
C GLU B 28 7.31 -11.36 -35.58
N ALA B 29 6.12 -11.80 -35.18
CA ALA B 29 5.80 -13.22 -35.14
C ALA B 29 5.17 -13.73 -36.43
N GLY B 30 4.84 -12.82 -37.34
CA GLY B 30 4.24 -13.18 -38.60
C GLY B 30 2.84 -13.75 -38.44
N VAL B 31 2.05 -13.15 -37.55
CA VAL B 31 0.68 -13.60 -37.35
C VAL B 31 -0.28 -12.46 -37.60
N THR B 32 -1.52 -12.83 -37.93
CA THR B 32 -2.56 -11.85 -38.20
C THR B 32 -3.24 -11.35 -36.93
N LEU B 33 -3.29 -10.02 -36.78
CA LEU B 33 -3.93 -9.40 -35.64
C LEU B 33 -5.18 -8.68 -36.12
N LEU B 34 -6.32 -9.03 -35.55
CA LEU B 34 -7.57 -8.33 -35.84
C LEU B 34 -7.94 -7.41 -34.68
N HIS B 35 -7.80 -6.12 -34.86
CA HIS B 35 -8.15 -5.22 -33.76
C HIS B 35 -9.59 -4.75 -33.97
N ARG B 36 -10.44 -5.02 -32.99
CA ARG B 36 -11.87 -4.74 -33.03
C ARG B 36 -12.31 -4.17 -31.67
N SER B 37 -12.51 -2.85 -31.58
CA SER B 37 -12.99 -2.21 -30.35
C SER B 37 -14.22 -1.34 -30.63
N THR B 38 -14.96 -1.05 -29.57
CA THR B 38 -16.08 -0.12 -29.65
C THR B 38 -15.54 1.29 -29.90
N LYS B 39 -16.42 2.18 -30.33
CA LYS B 39 -16.04 3.58 -30.45
C LYS B 39 -15.71 4.23 -29.09
N ASP B 40 -16.56 4.01 -28.09
CA ASP B 40 -16.38 4.66 -26.78
C ASP B 40 -15.88 3.65 -25.75
N ASP B 41 -14.98 4.08 -24.88
CA ASP B 41 -14.65 3.32 -23.67
C ASP B 41 -15.89 3.17 -22.81
N GLY B 42 -15.98 2.05 -22.10
CA GLY B 42 -17.06 1.87 -21.14
C GLY B 42 -18.29 1.33 -21.80
N ASP B 43 -18.23 1.11 -23.11
CA ASP B 43 -19.36 0.52 -23.85
C ASP B 43 -19.33 -0.99 -23.68
N ILE B 44 -19.87 -1.45 -22.56
CA ILE B 44 -19.91 -2.85 -22.18
C ILE B 44 -20.74 -3.70 -23.17
N ALA B 45 -21.94 -3.23 -23.52
CA ALA B 45 -22.82 -4.00 -24.41
C ALA B 45 -22.19 -4.20 -25.78
N GLY B 46 -21.52 -3.15 -26.26
CA GLY B 46 -20.86 -3.13 -27.54
C GLY B 46 -19.69 -4.11 -27.58
N GLN B 47 -18.96 -4.20 -26.47
CA GLN B 47 -17.82 -5.10 -26.38
C GLN B 47 -18.27 -6.56 -26.33
N ILE B 48 -19.38 -6.81 -25.62
CA ILE B 48 -19.97 -8.17 -25.58
C ILE B 48 -20.41 -8.60 -26.98
N GLN B 49 -21.04 -7.69 -27.70
CA GLN B 49 -21.45 -7.92 -29.13
C GLN B 49 -20.29 -8.34 -30.04
N ILE B 50 -19.16 -7.62 -29.95
CA ILE B 50 -17.94 -7.94 -30.71
C ILE B 50 -17.49 -9.36 -30.38
N LEU B 51 -17.47 -9.70 -29.09
CA LEU B 51 -17.08 -11.04 -28.67
C LEU B 51 -18.01 -12.17 -29.17
N SER B 52 -19.31 -11.93 -29.06
CA SER B 52 -20.34 -12.84 -29.58
C SER B 52 -20.22 -13.06 -31.08
N TYR B 53 -20.05 -11.97 -31.83
CA TYR B 53 -19.87 -12.08 -33.27
C TYR B 53 -18.67 -13.00 -33.63
N HIS B 54 -17.51 -12.75 -33.04
CA HIS B 54 -16.31 -13.52 -33.35
C HIS B 54 -16.32 -14.97 -32.92
N LEU B 55 -17.14 -15.30 -31.92
CA LEU B 55 -17.28 -16.69 -31.54
C LEU B 55 -18.14 -17.43 -32.57
N SER B 56 -19.10 -16.70 -33.14
CA SER B 56 -20.08 -17.25 -34.07
C SER B 56 -19.49 -17.48 -35.46
N GLN B 57 -18.49 -16.68 -35.80
CA GLN B 57 -17.86 -16.67 -37.12
C GLN B 57 -16.35 -16.48 -36.92
N ALA B 58 -15.66 -17.59 -36.62
CA ALA B 58 -14.21 -17.64 -36.32
C ALA B 58 -13.98 -18.30 -34.96
N PRO B 60 -11.29 -16.88 -33.68
CA PRO B 60 -9.84 -16.67 -33.61
C PRO B 60 -9.10 -17.77 -32.83
N ASP B 61 -7.78 -17.79 -32.95
CA ASP B 61 -6.96 -18.73 -32.22
C ASP B 61 -6.73 -18.33 -30.76
N ALA B 62 -6.84 -17.03 -30.49
CA ALA B 62 -6.79 -16.48 -29.14
C ALA B 62 -7.46 -15.12 -29.10
N LEU B 63 -7.93 -14.75 -27.91
CA LEU B 63 -8.55 -13.46 -27.66
C LEU B 63 -7.68 -12.69 -26.68
N ILE B 64 -7.33 -11.45 -27.04
CA ILE B 64 -6.71 -10.55 -26.05
C ILE B 64 -7.77 -9.48 -25.76
N LEU B 65 -8.18 -9.39 -24.52
CA LEU B 65 -9.29 -8.50 -24.12
C LEU B 65 -8.94 -7.51 -23.04
N ALA B 66 -9.31 -6.26 -23.22
CA ALA B 66 -9.26 -5.27 -22.12
C ALA B 66 -10.73 -5.02 -21.74
N PRO B 67 -11.23 -5.71 -20.68
CA PRO B 67 -12.67 -5.68 -20.45
C PRO B 67 -13.15 -4.34 -19.87
N ASN B 68 -14.21 -3.82 -20.46
CA ASN B 68 -14.86 -2.62 -19.94
C ASN B 68 -15.47 -2.76 -18.54
N SER B 69 -15.77 -4.00 -18.16
CA SER B 69 -16.30 -4.30 -16.82
C SER B 69 -15.67 -5.58 -16.35
N ALA B 70 -15.16 -5.57 -15.13
CA ALA B 70 -14.50 -6.77 -14.60
C ALA B 70 -15.50 -7.92 -14.43
N GLU B 71 -16.74 -7.58 -14.08
CA GLU B 71 -17.76 -8.61 -13.88
C GLU B 71 -18.62 -8.86 -15.12
N ASP B 72 -19.00 -7.81 -15.84
CA ASP B 72 -19.97 -7.96 -16.92
C ASP B 72 -19.42 -8.70 -18.14
N LEU B 73 -18.09 -8.76 -18.26
CA LEU B 73 -17.47 -9.48 -19.39
C LEU B 73 -17.20 -10.93 -19.10
N THR B 74 -17.39 -11.36 -17.84
CA THR B 74 -17.06 -12.76 -17.49
C THR B 74 -17.87 -13.82 -18.29
N PRO B 75 -19.20 -13.64 -18.46
CA PRO B 75 -19.93 -14.61 -19.32
C PRO B 75 -19.38 -14.71 -20.76
N SER B 76 -19.04 -13.57 -21.35
CA SER B 76 -18.47 -13.57 -22.72
C SER B 76 -17.19 -14.38 -22.76
N VAL B 77 -16.32 -14.15 -21.80
CA VAL B 77 -15.02 -14.84 -21.74
C VAL B 77 -15.22 -16.33 -21.48
N ALA B 78 -16.21 -16.68 -20.66
CA ALA B 78 -16.48 -18.08 -20.32
C ALA B 78 -16.89 -18.86 -21.55
N GLN B 79 -17.56 -18.19 -22.47
CA GLN B 79 -17.98 -18.79 -23.73
C GLN B 79 -16.78 -19.18 -24.59
N TYR B 80 -15.74 -18.35 -24.58
CA TYR B 80 -14.49 -18.65 -25.25
C TYR B 80 -13.80 -19.80 -24.55
N ARG B 81 -13.78 -19.79 -23.22
CA ARG B 81 -13.14 -20.90 -22.47
C ARG B 81 -13.84 -22.26 -22.76
N ALA B 82 -15.17 -22.24 -22.85
CA ALA B 82 -15.98 -23.45 -23.17
C ALA B 82 -15.70 -23.94 -24.57
N ARG B 83 -15.29 -23.03 -25.47
CA ARG B 83 -14.78 -23.42 -26.80
C ARG B 83 -13.28 -23.71 -26.87
N ASN B 84 -12.61 -23.74 -25.71
CA ASN B 84 -11.15 -23.90 -25.63
C ASN B 84 -10.32 -22.87 -26.46
N ILE B 85 -10.83 -21.65 -26.57
CA ILE B 85 -10.05 -20.54 -27.15
C ILE B 85 -9.39 -19.77 -26.00
N PRO B 86 -8.04 -19.76 -25.95
CA PRO B 86 -7.35 -19.08 -24.85
C PRO B 86 -7.70 -17.60 -24.79
N VAL B 87 -7.79 -17.07 -23.57
CA VAL B 87 -8.10 -15.65 -23.42
C VAL B 87 -7.04 -15.04 -22.52
N LEU B 88 -6.40 -13.99 -23.04
CA LEU B 88 -5.39 -13.23 -22.30
C LEU B 88 -5.98 -11.86 -22.02
N VAL B 89 -6.03 -11.49 -20.76
CA VAL B 89 -6.63 -10.21 -20.39
C VAL B 89 -5.53 -9.17 -20.36
N VAL B 90 -5.78 -8.01 -20.94
CA VAL B 90 -4.79 -6.94 -20.97
C VAL B 90 -5.33 -5.68 -20.25
N ASP B 91 -4.44 -4.94 -19.59
CA ASP B 91 -4.73 -3.58 -19.04
C ASP B 91 -5.60 -3.51 -17.78
N SER B 92 -6.68 -4.28 -17.75
CA SER B 92 -7.69 -4.09 -16.71
C SER B 92 -8.26 -5.45 -16.33
N ASP B 93 -8.22 -5.81 -15.06
CA ASP B 93 -8.49 -7.20 -14.69
C ASP B 93 -9.94 -7.62 -14.97
N LEU B 94 -10.13 -8.94 -15.08
CA LEU B 94 -11.42 -9.56 -15.25
C LEU B 94 -11.69 -10.38 -13.99
N ALA B 95 -12.92 -10.32 -13.48
CA ALA B 95 -13.33 -11.17 -12.35
C ALA B 95 -13.33 -12.65 -12.72
N GLY B 96 -13.20 -13.53 -11.73
CA GLY B 96 -13.26 -14.98 -11.97
C GLY B 96 -11.96 -15.58 -12.49
N ASP B 97 -12.02 -16.82 -12.98
CA ASP B 97 -10.82 -17.47 -13.49
C ASP B 97 -11.05 -18.24 -14.78
N ALA B 98 -11.96 -17.71 -15.61
CA ALA B 98 -12.19 -18.28 -16.95
C ALA B 98 -11.05 -17.95 -17.95
N HIS B 99 -10.30 -16.87 -17.69
CA HIS B 99 -9.17 -16.46 -18.56
C HIS B 99 -7.84 -17.04 -18.10
N GLN B 100 -6.82 -16.94 -18.95
CA GLN B 100 -5.58 -17.69 -18.79
C GLN B 100 -4.42 -16.86 -18.27
N GLY B 101 -4.58 -15.55 -18.23
CA GLY B 101 -3.55 -14.70 -17.65
C GLY B 101 -3.92 -13.24 -17.81
N LEU B 102 -3.09 -12.40 -17.21
CA LEU B 102 -3.22 -10.94 -17.21
C LEU B 102 -1.87 -10.26 -17.50
N VAL B 103 -1.91 -9.24 -18.35
CA VAL B 103 -0.71 -8.47 -18.71
C VAL B 103 -1.16 -7.03 -18.51
N ALA B 104 -0.63 -6.34 -17.48
CA ALA B 104 -1.14 -5.03 -17.12
C ALA B 104 -0.23 -4.32 -16.15
N THR B 105 -0.45 -3.03 -15.93
CA THR B 105 0.14 -2.33 -14.79
C THR B 105 -0.39 -3.00 -13.50
N ASP B 106 0.40 -2.96 -12.43
CA ASP B 106 -0.13 -3.29 -11.09
C ASP B 106 -0.88 -2.04 -10.65
N ASN B 107 -2.17 -2.02 -10.95
CA ASN B 107 -2.95 -0.78 -10.80
C ASN B 107 -3.12 -0.33 -9.36
N TYR B 108 -3.24 -1.30 -8.47
CA TYR B 108 -3.30 -0.99 -7.04
C TYR B 108 -2.00 -0.29 -6.58
N ALA B 109 -0.84 -0.85 -6.94
CA ALA B 109 0.44 -0.26 -6.57
C ALA B 109 0.63 1.13 -7.21
N ALA B 110 0.11 1.27 -8.43
CA ALA B 110 0.17 2.55 -9.15
C ALA B 110 -0.65 3.63 -8.41
N GLY B 111 -1.80 3.24 -7.86
CA GLY B 111 -2.58 4.15 -7.00
C GLY B 111 -1.82 4.54 -5.73
N GLN B 112 -1.18 3.58 -5.07
CA GLN B 112 -0.36 3.88 -3.89
C GLN B 112 0.79 4.83 -4.24
N LEU B 113 1.45 4.58 -5.38
CA LEU B 113 2.49 5.49 -5.90
C LEU B 113 1.97 6.93 -6.07
N ALA B 114 0.80 7.07 -6.69
CA ALA B 114 0.18 8.37 -6.93
C ALA B 114 -0.06 9.11 -5.63
N ALA B 115 -0.51 8.38 -4.60
CA ALA B 115 -0.76 9.00 -3.28
C ALA B 115 0.56 9.53 -2.67
N ARG B 116 1.60 8.69 -2.73
CA ARG B 116 2.92 9.13 -2.25
C ARG B 116 3.46 10.36 -3.02
N ALA B 117 3.29 10.37 -4.34
CA ALA B 117 3.68 11.53 -5.16
C ALA B 117 2.88 12.78 -4.78
N LEU B 118 1.58 12.62 -4.56
CA LEU B 118 0.78 13.76 -4.13
C LEU B 118 1.23 14.31 -2.79
N LEU B 119 1.51 13.41 -1.85
CA LEU B 119 1.95 13.84 -0.51
C LEU B 119 3.22 14.70 -0.63
N ALA B 120 4.13 14.29 -1.52
CA ALA B 120 5.38 15.03 -1.79
C ALA B 120 5.17 16.44 -2.35
N THR B 121 3.99 16.72 -2.90
CA THR B 121 3.74 18.05 -3.46
C THR B 121 3.19 18.99 -2.37
N LEU B 122 2.69 18.41 -1.29
CA LEU B 122 1.97 19.18 -0.28
C LEU B 122 2.81 19.73 0.87
N ASP B 123 2.36 20.87 1.38
CA ASP B 123 2.85 21.40 2.64
C ASP B 123 2.20 20.61 3.77
N LEU B 124 2.92 19.62 4.30
CA LEU B 124 2.32 18.71 5.28
C LEU B 124 2.40 19.22 6.73
N SER B 125 2.84 20.48 6.91
CA SER B 125 2.80 21.14 8.24
C SER B 125 1.38 21.60 8.64
N LYS B 126 0.44 21.51 7.70
CA LYS B 126 -0.89 22.07 7.84
C LYS B 126 -1.90 21.07 7.28
N GLU B 127 -3.16 21.15 7.72
CA GLU B 127 -4.22 20.29 7.17
C GLU B 127 -4.39 20.58 5.67
N ARG B 128 -4.54 19.52 4.87
CA ARG B 128 -4.68 19.66 3.44
C ARG B 128 -5.94 18.92 2.99
N ASN B 129 -6.74 19.57 2.15
CA ASN B 129 -7.93 18.96 1.57
C ASN B 129 -7.65 18.37 0.19
N ILE B 130 -8.05 17.13 -0.01
CA ILE B 130 -7.72 16.36 -1.20
C ILE B 130 -9.00 15.97 -1.95
N ALA B 131 -8.97 16.07 -3.28
CA ALA B 131 -10.03 15.58 -4.14
C ALA B 131 -9.51 14.47 -5.05
N LEU B 132 -10.39 13.50 -5.33
CA LEU B 132 -10.11 12.39 -6.25
C LEU B 132 -11.21 12.41 -7.31
N LEU B 133 -10.88 12.37 -8.60
CA LEU B 133 -11.91 12.19 -9.62
C LEU B 133 -11.98 10.74 -10.00
N ARG B 134 -13.01 10.02 -9.53
CA ARG B 134 -13.14 8.62 -9.89
C ARG B 134 -13.63 8.44 -11.33
N LEU B 135 -13.44 7.26 -11.92
CA LEU B 135 -13.89 7.04 -13.29
C LEU B 135 -15.27 6.37 -13.33
N ARG B 136 -15.36 5.09 -12.97
CA ARG B 136 -16.58 4.32 -13.13
C ARG B 136 -16.44 3.05 -12.32
N ALA B 137 -17.32 2.84 -11.35
CA ALA B 137 -17.30 1.59 -10.60
C ALA B 137 -17.40 0.38 -11.54
N GLY B 138 -16.51 -0.59 -11.35
CA GLY B 138 -16.52 -1.80 -12.18
C GLY B 138 -15.46 -1.84 -13.26
N ASN B 139 -14.85 -0.69 -13.54
CA ASN B 139 -13.67 -0.60 -14.41
C ASN B 139 -12.46 -0.91 -13.52
N ALA B 140 -11.94 -2.14 -13.60
CA ALA B 140 -11.00 -2.63 -12.58
C ALA B 140 -9.74 -1.76 -12.47
N SER B 141 -9.19 -1.35 -13.61
CA SER B 141 -7.93 -0.65 -13.63
C SER B 141 -8.03 0.63 -12.78
N THR B 142 -9.03 1.45 -13.04
CA THR B 142 -9.17 2.69 -12.26
C THR B 142 -9.74 2.43 -10.86
N ASP B 143 -10.59 1.43 -10.68
CA ASP B 143 -11.06 1.16 -9.30
C ASP B 143 -9.84 0.86 -8.40
N GLN B 144 -8.85 0.18 -8.96
CA GLN B 144 -7.69 -0.28 -8.19
C GLN B 144 -6.77 0.90 -7.93
N ARG B 145 -6.58 1.77 -8.94
CA ARG B 145 -5.81 3.02 -8.74
C ARG B 145 -6.44 3.87 -7.61
N GLU B 146 -7.75 4.09 -7.73
CA GLU B 146 -8.48 4.84 -6.71
C GLU B 146 -8.34 4.18 -5.32
N GLN B 147 -8.52 2.86 -5.21
CA GLN B 147 -8.45 2.18 -3.90
C GLN B 147 -7.04 2.28 -3.35
N GLY B 148 -6.04 2.07 -4.19
CA GLY B 148 -4.61 2.21 -3.74
C GLY B 148 -4.28 3.59 -3.19
N PHE B 149 -4.76 4.62 -3.90
CA PHE B 149 -4.60 6.01 -3.51
C PHE B 149 -5.28 6.27 -2.16
N LEU B 150 -6.53 5.85 -2.04
CA LEU B 150 -7.28 6.08 -0.80
C LEU B 150 -6.69 5.30 0.37
N ASP B 151 -6.22 4.09 0.08
CA ASP B 151 -5.65 3.23 1.11
C ASP B 151 -4.42 3.82 1.77
N VAL B 152 -3.68 4.63 1.02
CA VAL B 152 -2.54 5.38 1.57
C VAL B 152 -3.00 6.59 2.40
N LEU B 153 -4.06 7.26 1.92
CA LEU B 153 -4.39 8.60 2.43
C LEU B 153 -5.49 8.69 3.46
N ARG B 154 -6.40 7.72 3.47
CA ARG B 154 -7.60 7.83 4.32
C ARG B 154 -7.32 8.03 5.82
N LYS B 155 -6.21 7.49 6.31
CA LYS B 155 -5.90 7.65 7.73
C LYS B 155 -4.74 8.56 7.99
N HIS B 156 -4.27 9.25 6.96
CA HIS B 156 -3.04 10.05 7.07
C HIS B 156 -3.31 11.31 7.90
N ASP B 157 -2.42 11.60 8.87
CA ASP B 157 -2.58 12.80 9.70
C ASP B 157 -2.64 14.04 8.79
N LYS B 158 -3.49 15.01 9.08
CA LYS B 158 -3.52 16.26 8.31
C LYS B 158 -4.00 16.14 6.85
N ILE B 159 -4.60 15.00 6.51
CA ILE B 159 -5.19 14.83 5.18
C ILE B 159 -6.67 14.58 5.36
N ARG B 160 -7.47 15.35 4.65
CA ARG B 160 -8.89 15.09 4.57
C ARG B 160 -9.30 14.91 3.10
N ILE B 161 -9.99 13.81 2.81
CA ILE B 161 -10.54 13.57 1.46
C ILE B 161 -11.93 14.22 1.45
N ILE B 162 -12.06 15.32 0.70
CA ILE B 162 -13.26 16.15 0.75
C ILE B 162 -14.17 15.94 -0.46
N ALA B 163 -13.68 15.20 -1.46
CA ALA B 163 -14.50 14.92 -2.66
C ALA B 163 -13.96 13.70 -3.38
N ALA B 164 -14.86 12.78 -3.76
CA ALA B 164 -14.50 11.65 -4.62
C ALA B 164 -15.62 11.27 -5.59
N PRO B 165 -16.10 12.23 -6.42
CA PRO B 165 -17.22 11.88 -7.31
C PRO B 165 -16.76 11.07 -8.51
N TYR B 166 -17.71 10.43 -9.19
CA TYR B 166 -17.42 9.71 -10.44
C TYR B 166 -17.56 10.66 -11.63
N ALA B 167 -16.59 10.61 -12.54
CA ALA B 167 -16.61 11.45 -13.74
C ALA B 167 -17.22 10.73 -14.95
N GLY B 168 -17.11 9.40 -14.98
CA GLY B 168 -17.48 8.62 -16.17
C GLY B 168 -16.32 8.53 -17.15
N ASP B 169 -16.55 8.01 -18.35
CA ASP B 169 -15.43 7.65 -19.26
C ASP B 169 -14.97 8.75 -20.22
N ASP B 170 -15.82 9.76 -20.42
CA ASP B 170 -15.53 10.87 -21.33
C ASP B 170 -14.71 11.97 -20.66
N ARG B 171 -13.77 12.56 -21.39
CA ARG B 171 -13.09 13.77 -20.88
C ARG B 171 -14.03 14.97 -20.66
N GLY B 172 -15.07 15.08 -21.50
CA GLY B 172 -16.09 16.15 -21.34
C GLY B 172 -16.83 16.02 -20.01
N ALA B 173 -17.15 14.78 -19.64
CA ALA B 173 -17.79 14.49 -18.35
C ALA B 173 -16.84 14.80 -17.19
N ALA B 174 -15.56 14.46 -17.34
CA ALA B 174 -14.54 14.82 -16.32
C ALA B 174 -14.39 16.35 -16.17
N ARG B 175 -14.43 17.06 -17.29
CA ARG B 175 -14.43 18.51 -17.28
C ARG B 175 -15.64 19.05 -16.49
N SER B 176 -16.83 18.57 -16.80
CA SER B 176 -18.05 19.06 -16.10
C SER B 176 -17.95 18.85 -14.62
N GLU B 177 -17.46 17.68 -14.24
CA GLU B 177 -17.38 17.28 -12.84
C GLU B 177 -16.39 18.15 -12.07
N MSE B 178 -15.24 18.44 -12.70
CA MSE B 178 -14.19 19.21 -12.05
C MSE B 178 -14.61 20.68 -11.92
O MSE B 178 -14.28 21.35 -10.91
CB MSE B 178 -12.87 19.10 -12.83
CG MSE B 178 -11.67 19.72 -12.10
SE MSE B 178 -11.20 18.54 -10.55
CE MSE B 178 -10.78 19.86 -9.21
N LEU B 179 -15.28 21.21 -12.95
CA LEU B 179 -15.82 22.58 -12.88
C LEU B 179 -16.74 22.75 -11.67
N ARG B 180 -17.64 21.80 -11.46
CA ARG B 180 -18.52 21.78 -10.28
C ARG B 180 -17.73 21.77 -8.97
N LEU B 181 -16.75 20.86 -8.87
CA LEU B 181 -15.90 20.81 -7.67
C LEU B 181 -15.13 22.09 -7.42
N LEU B 182 -14.62 22.71 -8.47
CA LEU B 182 -13.82 23.92 -8.28
C LEU B 182 -14.68 25.07 -7.78
N LYS B 183 -15.93 25.13 -8.26
CA LYS B 183 -16.90 26.16 -7.83
C LYS B 183 -17.44 25.91 -6.41
N GLU B 184 -17.77 24.66 -6.11
CA GLU B 184 -18.44 24.32 -4.86
C GLU B 184 -17.52 24.12 -3.65
N THR B 185 -16.26 23.79 -3.88
CA THR B 185 -15.34 23.49 -2.75
C THR B 185 -14.60 24.74 -2.26
N PRO B 186 -14.69 25.06 -0.94
CA PRO B 186 -13.94 26.21 -0.43
C PRO B 186 -12.43 26.15 -0.71
N THR B 187 -11.79 25.00 -0.42
CA THR B 187 -10.35 24.87 -0.69
C THR B 187 -9.98 23.46 -1.13
N ILE B 188 -9.27 23.35 -2.24
CA ILE B 188 -8.70 22.07 -2.66
C ILE B 188 -7.20 22.27 -2.63
N ASP B 189 -6.51 21.39 -1.91
CA ASP B 189 -5.05 21.48 -1.80
C ASP B 189 -4.35 20.45 -2.65
N GLY B 190 -5.04 19.37 -3.00
CA GLY B 190 -4.46 18.35 -3.85
C GLY B 190 -5.52 17.60 -4.63
N LEU B 191 -5.13 17.12 -5.81
CA LEU B 191 -6.04 16.41 -6.70
C LEU B 191 -5.33 15.19 -7.31
N PHE B 192 -6.04 14.07 -7.42
CA PHE B 192 -5.58 12.94 -8.26
C PHE B 192 -6.66 12.56 -9.27
N THR B 193 -6.24 12.35 -10.51
CA THR B 193 -7.10 11.83 -11.58
C THR B 193 -6.44 10.54 -12.13
N PRO B 194 -7.20 9.43 -12.16
CA PRO B 194 -6.62 8.09 -12.37
C PRO B 194 -6.49 7.60 -13.81
N ASN B 195 -6.77 8.45 -14.81
CA ASN B 195 -6.51 8.00 -16.19
C ASN B 195 -6.42 9.20 -17.11
N GLU B 196 -6.15 8.93 -18.39
CA GLU B 196 -5.94 9.96 -19.35
C GLU B 196 -7.15 10.91 -19.45
N SER B 197 -8.36 10.34 -19.60
CA SER B 197 -9.54 11.15 -19.84
CA SER B 197 -9.52 11.16 -19.86
C SER B 197 -9.84 12.05 -18.66
N THR B 198 -9.75 11.50 -17.45
CA THR B 198 -10.01 12.27 -16.24
C THR B 198 -8.96 13.37 -16.02
N THR B 199 -7.70 13.07 -16.33
CA THR B 199 -6.63 14.06 -16.20
C THR B 199 -6.86 15.23 -17.19
N ILE B 200 -7.14 14.91 -18.45
CA ILE B 200 -7.35 15.95 -19.48
C ILE B 200 -8.57 16.79 -19.12
N GLY B 201 -9.65 16.13 -18.73
CA GLY B 201 -10.90 16.84 -18.37
C GLY B 201 -10.69 17.76 -17.19
N ALA B 202 -9.99 17.28 -16.16
CA ALA B 202 -9.67 18.13 -15.00
C ALA B 202 -8.78 19.34 -15.38
N LEU B 203 -7.76 19.07 -16.19
CA LEU B 203 -6.82 20.11 -16.65
C LEU B 203 -7.55 21.28 -17.32
N VAL B 204 -8.47 20.94 -18.22
CA VAL B 204 -9.23 21.91 -18.99
C VAL B 204 -10.14 22.70 -18.05
N ALA B 205 -10.77 22.01 -17.09
CA ALA B 205 -11.58 22.69 -16.07
C ALA B 205 -10.76 23.65 -15.22
N ILE B 206 -9.59 23.21 -14.77
CA ILE B 206 -8.72 24.04 -13.94
C ILE B 206 -8.32 25.35 -14.68
N ARG B 207 -7.90 25.20 -15.94
CA ARG B 207 -7.58 26.35 -16.80
C ARG B 207 -8.79 27.29 -16.96
N GLN B 208 -9.95 26.71 -17.25
CA GLN B 208 -11.17 27.49 -17.49
C GLN B 208 -11.68 28.20 -16.24
N SER B 209 -11.27 27.70 -15.08
CA SER B 209 -11.58 28.30 -13.79
C SER B 209 -10.57 29.35 -13.28
N GLY B 210 -9.46 29.53 -13.98
CA GLY B 210 -8.39 30.43 -13.54
C GLY B 210 -7.62 29.90 -12.32
N MSE B 211 -7.55 28.57 -12.23
CA MSE B 211 -7.02 27.90 -11.04
C MSE B 211 -5.68 27.21 -11.30
O MSE B 211 -5.24 26.43 -10.47
CB MSE B 211 -7.98 26.79 -10.62
CG MSE B 211 -9.41 27.19 -10.51
SE MSE B 211 -9.77 27.74 -8.70
CE MSE B 211 -11.56 27.03 -8.51
N SER B 212 -5.08 27.48 -12.45
CA SER B 212 -3.85 26.79 -12.84
C SER B 212 -2.75 27.05 -11.83
N LYS B 213 -2.01 26.01 -11.49
CA LYS B 213 -0.82 26.11 -10.63
C LYS B 213 -1.14 26.47 -9.17
N GLN B 214 -2.40 26.31 -8.76
CA GLN B 214 -2.77 26.67 -7.38
C GLN B 214 -2.74 25.53 -6.35
N PHE B 215 -2.73 24.28 -6.81
CA PHE B 215 -2.68 23.14 -5.92
C PHE B 215 -1.90 21.97 -6.55
N GLY B 216 -1.53 21.00 -5.71
CA GLY B 216 -0.88 19.77 -6.15
C GLY B 216 -1.83 18.94 -7.02
N PHE B 217 -1.31 18.39 -8.10
CA PHE B 217 -2.15 17.71 -9.09
C PHE B 217 -1.32 16.56 -9.67
N ILE B 218 -1.66 15.34 -9.29
CA ILE B 218 -1.07 14.13 -9.88
C ILE B 218 -2.07 13.57 -10.91
N GLY B 219 -1.59 13.40 -12.14
CA GLY B 219 -2.42 12.81 -13.20
C GLY B 219 -1.89 11.43 -13.54
N PHE B 220 -2.52 10.81 -14.54
CA PHE B 220 -2.21 9.45 -14.91
C PHE B 220 -2.25 9.38 -16.45
N ASP B 221 -1.28 8.67 -17.01
CA ASP B 221 -1.11 8.50 -18.45
C ASP B 221 -0.45 9.75 -19.05
N GLN B 222 -0.04 9.66 -20.29
CA GLN B 222 0.59 10.82 -20.92
C GLN B 222 0.20 10.95 -22.38
N THR B 223 0.16 12.19 -22.83
CA THR B 223 -0.04 12.53 -24.24
C THR B 223 0.79 13.82 -24.39
N GLU B 224 0.96 14.30 -25.62
CA GLU B 224 1.72 15.54 -25.82
C GLU B 224 1.11 16.69 -25.01
N GLU B 225 -0.22 16.78 -25.00
CA GLU B 225 -0.93 17.82 -24.26
C GLU B 225 -0.65 17.73 -22.74
N LEU B 226 -0.73 16.51 -22.19
CA LEU B 226 -0.52 16.31 -20.72
C LEU B 226 0.92 16.57 -20.35
N GLU B 227 1.84 16.15 -21.22
CA GLU B 227 3.28 16.37 -20.98
C GLU B 227 3.60 17.87 -20.92
N ALA B 228 3.09 18.61 -21.90
CA ALA B 228 3.23 20.09 -21.93
C ALA B 228 2.68 20.74 -20.66
N ALA B 229 1.47 20.36 -20.26
CA ALA B 229 0.91 20.81 -18.99
C ALA B 229 1.83 20.53 -17.81
N MSE B 230 2.40 19.32 -17.75
CA MSE B 230 3.33 19.00 -16.67
C MSE B 230 4.59 19.89 -16.71
O MSE B 230 4.98 20.51 -15.69
CB MSE B 230 3.72 17.50 -16.70
CG MSE B 230 4.57 17.09 -15.49
SE MSE B 230 5.25 15.27 -15.74
CE MSE B 230 6.62 15.76 -17.11
N TYR B 231 5.20 20.00 -17.88
CA TYR B 231 6.42 20.83 -18.04
C TYR B 231 6.17 22.30 -17.70
N ALA B 232 4.95 22.75 -17.91
CA ALA B 232 4.49 24.10 -17.59
C ALA B 232 4.26 24.31 -16.08
N GLY B 233 4.21 23.22 -15.31
CA GLY B 233 3.87 23.29 -13.88
C GLY B 233 2.39 23.31 -13.56
N GLU B 234 1.56 23.03 -14.56
CA GLU B 234 0.12 22.95 -14.39
C GLU B 234 -0.27 21.62 -13.74
N ILE B 235 0.47 20.56 -14.07
CA ILE B 235 0.31 19.24 -13.46
C ILE B 235 1.62 18.93 -12.72
N SER B 236 1.52 18.50 -11.45
CA SER B 236 2.73 18.26 -10.60
C SER B 236 3.54 17.06 -11.09
N ASN B 237 2.83 16.02 -11.49
CA ASN B 237 3.48 14.83 -12.03
C ASN B 237 2.44 13.97 -12.72
N LEU B 238 2.91 13.05 -13.59
CA LEU B 238 2.06 12.03 -14.18
C LEU B 238 2.61 10.67 -13.83
N VAL B 239 1.74 9.81 -13.34
CA VAL B 239 2.00 8.38 -13.22
C VAL B 239 1.74 7.79 -14.58
N VAL B 240 2.76 7.11 -15.13
CA VAL B 240 2.67 6.59 -16.49
C VAL B 240 2.91 5.09 -16.58
N GLN B 241 2.12 4.43 -17.42
CA GLN B 241 2.23 3.00 -17.71
C GLN B 241 3.14 2.81 -18.93
N ASN B 242 3.30 1.56 -19.35
CA ASN B 242 4.07 1.25 -20.57
C ASN B 242 3.14 0.59 -21.58
N PRO B 243 2.18 1.36 -22.18
CA PRO B 243 1.16 0.72 -23.00
C PRO B 243 1.73 -0.02 -24.23
N GLU B 244 2.75 0.54 -24.88
CA GLU B 244 3.35 -0.15 -26.02
C GLU B 244 3.94 -1.51 -25.64
N TYR B 245 4.79 -1.52 -24.61
CA TYR B 245 5.32 -2.78 -24.09
C TYR B 245 4.20 -3.76 -23.64
N MSE B 246 3.13 -3.21 -23.05
CA MSE B 246 2.00 -4.04 -22.60
C MSE B 246 1.30 -4.77 -23.78
O MSE B 246 1.02 -5.95 -23.69
CB MSE B 246 0.99 -3.16 -21.84
CG MSE B 246 -0.19 -3.94 -21.22
SE MSE B 246 -1.51 -2.64 -20.57
CE MSE B 246 -0.36 -1.49 -19.51
N GLY B 247 1.04 -4.04 -24.88
CA GLY B 247 0.40 -4.62 -26.08
C GLY B 247 1.31 -5.69 -26.69
N TYR B 248 2.60 -5.38 -26.76
CA TYR B 248 3.64 -6.27 -27.30
C TYR B 248 3.68 -7.57 -26.48
N LEU B 249 3.84 -7.47 -25.16
CA LEU B 249 3.84 -8.65 -24.28
C LEU B 249 2.52 -9.43 -24.30
N ALA B 250 1.38 -8.73 -24.36
CA ALA B 250 0.09 -9.40 -24.39
C ALA B 250 -0.01 -10.32 -25.60
N VAL B 251 0.45 -9.84 -26.75
CA VAL B 251 0.50 -10.69 -27.96
C VAL B 251 1.44 -11.89 -27.80
N GLN B 252 2.64 -11.66 -27.28
CA GLN B 252 3.60 -12.76 -27.05
C GLN B 252 3.07 -13.80 -26.05
N ARG B 253 2.39 -13.34 -25.00
CA ARG B 253 1.74 -14.24 -24.03
C ARG B 253 0.58 -15.03 -24.65
N ALA B 254 -0.23 -14.36 -25.48
CA ALA B 254 -1.28 -15.02 -26.23
C ALA B 254 -0.75 -16.10 -27.19
N LEU B 255 0.34 -15.78 -27.89
CA LEU B 255 0.99 -16.77 -28.75
C LEU B 255 1.54 -17.95 -27.96
N ASP B 256 2.04 -17.70 -26.75
CA ASP B 256 2.50 -18.76 -25.87
C ASP B 256 1.34 -19.68 -25.49
N LEU B 257 0.21 -19.08 -25.15
CA LEU B 257 -1.01 -19.85 -24.89
C LEU B 257 -1.41 -20.71 -26.08
N VAL B 258 -1.36 -20.12 -27.28
CA VAL B 258 -1.72 -20.86 -28.50
C VAL B 258 -0.80 -22.07 -28.68
N ARG B 259 0.48 -21.86 -28.41
CA ARG B 259 1.47 -22.89 -28.66
C ARG B 259 1.73 -23.77 -27.45
N GLY B 260 1.03 -23.47 -26.34
CA GLY B 260 1.07 -24.28 -25.12
C GLY B 260 2.24 -24.09 -24.16
N LYS B 261 2.91 -22.94 -24.25
CA LYS B 261 3.99 -22.62 -23.30
C LYS B 261 3.36 -21.94 -22.08
N PRO B 262 3.63 -22.46 -20.85
CA PRO B 262 2.98 -21.89 -19.67
C PRO B 262 3.30 -20.40 -19.57
N ILE B 263 2.36 -19.60 -19.08
CA ILE B 263 2.62 -18.19 -18.84
C ILE B 263 2.38 -17.84 -17.38
N PRO B 264 3.02 -16.77 -16.88
CA PRO B 264 2.62 -16.34 -15.54
C PRO B 264 1.15 -15.84 -15.50
N ALA B 265 0.47 -16.01 -14.35
CA ALA B 265 -0.90 -15.52 -14.19
C ALA B 265 -0.98 -13.99 -14.32
N PHE B 266 0.02 -13.29 -13.79
CA PHE B 266 0.11 -11.84 -13.94
C PHE B 266 1.49 -11.43 -14.44
N THR B 267 1.54 -10.68 -15.54
CA THR B 267 2.75 -10.03 -15.99
C THR B 267 2.60 -8.53 -15.75
N ASP B 268 3.37 -8.02 -14.79
CA ASP B 268 3.39 -6.61 -14.42
C ASP B 268 4.26 -5.79 -15.40
N THR B 269 3.63 -4.87 -16.15
CA THR B 269 4.31 -4.19 -17.25
C THR B 269 4.96 -2.88 -16.82
N GLY B 270 4.80 -2.53 -15.55
CA GLY B 270 5.55 -1.45 -14.92
C GLY B 270 4.86 -0.12 -14.82
N VAL B 271 5.31 0.70 -13.87
CA VAL B 271 4.75 2.04 -13.75
C VAL B 271 5.81 2.94 -13.14
N ARG B 272 5.78 4.23 -13.47
CA ARG B 272 6.73 5.19 -12.90
C ARG B 272 6.14 6.58 -12.90
N LEU B 273 6.77 7.49 -12.18
CA LEU B 273 6.45 8.91 -12.33
C LEU B 273 7.23 9.43 -13.53
N LEU B 274 6.60 10.26 -14.35
CA LEU B 274 7.24 10.71 -15.58
C LEU B 274 8.44 11.64 -15.32
N GLN B 275 8.37 12.41 -14.24
CA GLN B 275 9.47 13.30 -13.85
C GLN B 275 9.86 13.11 -12.37
N GLU B 276 11.02 13.63 -11.98
CA GLU B 276 11.47 13.54 -10.58
C GLU B 276 10.66 14.43 -9.64
C4 BDR C . 4.27 -1.24 18.39
O4 BDR C . 3.75 -2.55 18.71
C1 BDR C . 4.93 -3.42 18.95
O1 BDR C . 4.96 -4.44 17.95
C2 BDR C . 6.12 -2.75 18.30
O2 BDR C . 7.45 -3.04 18.76
C3 BDR C . 5.68 -1.40 17.79
O3 BDR C . 6.65 -0.34 17.92
C5 BDR C . 3.40 -0.74 17.29
O5 BDR C . 4.00 0.45 16.84
C4 BDR D . -8.30 3.38 -19.33
O4 BDR D . -7.40 4.48 -19.64
C1 BDR D . -6.03 3.96 -19.38
O1 BDR D . -5.46 4.61 -18.25
C2 BDR D . -6.15 2.69 -18.55
O2 BDR D . -5.15 1.67 -18.51
C3 BDR D . -7.61 2.41 -18.35
O3 BDR D . -7.93 0.99 -18.34
C5 BDR D . -9.50 3.85 -18.56
O5 BDR D . -10.22 2.68 -18.20
#